data_1XSP
#
_entry.id   1XSP
#
_cell.length_a   55.845
_cell.length_b   62.758
_cell.length_c   140.720
_cell.angle_alpha   90.00
_cell.angle_beta   90.00
_cell.angle_gamma   90.00
#
_symmetry.space_group_name_H-M   'P 21 21 21'
#
loop_
_entity.id
_entity.type
_entity.pdbx_description
1 polymer "5'-D(*CP*GP*GP*CP*CP*GP*TP*AP*CP*TP*G)-3'"
2 polymer "5'-D(*CP*AP*GP*TP*AP*CP*G)-3'"
3 polymer "5'-D(P*GP*CP*CP*G)-3'"
4 polymer 'DNA polymerase lambda'
5 non-polymer 'SODIUM ION'
6 non-polymer PYROPHOSPHATE
7 water water
#
loop_
_entity_poly.entity_id
_entity_poly.type
_entity_poly.pdbx_seq_one_letter_code
_entity_poly.pdbx_strand_id
1 'polydeoxyribonucleotide' (DC)(DG)(DG)(DC)(DC)(DG)(DT)(DA)(DC)(DT)(DG) T
2 'polydeoxyribonucleotide' (DC)(DA)(DG)(DT)(DA)(DC)(DG) P
3 'polydeoxyribonucleotide' (DG)(DC)(DC)(DG) D
4 'polypeptide(L)'
;MAQPSSQKATNHNLHITEKLEVLAKAYSVQGDKWRALGYAKAINALKSFHKPVTSYQEACSIPGIGKRMAEKIIEILESG
HLRKLDHISESVPVLELFSNIWGAGTKTAQMWYQQGFRSLEDIRSQASLTTQQAIGLKHYSDFLERMPREEATEIEQTVQ
KAAQAFNSGLLCVACGSYRRGKATCGDVDVLITHPDGRSHRGIFSRLLDSLRQEGFLTDDLVSQEENGQQQKYLGVCRLP
GPGRRHRRLDIIVVPYSEFACALLYFTGSAHFNRSMRALAKTKGMSLSEHALSTAVVRNTHGAKVGPGRVLPTPTEKDVF
RLLGLPYREPAERDW
;
A
#
loop_
_chem_comp.id
_chem_comp.type
_chem_comp.name
_chem_comp.formula
DA DNA linking 2'-DEOXYADENOSINE-5'-MONOPHOSPHATE 'C10 H14 N5 O6 P'
DC DNA linking 2'-DEOXYCYTIDINE-5'-MONOPHOSPHATE 'C9 H14 N3 O7 P'
DG DNA linking 2'-DEOXYGUANOSINE-5'-MONOPHOSPHATE 'C10 H14 N5 O7 P'
DT DNA linking THYMIDINE-5'-MONOPHOSPHATE 'C10 H15 N2 O8 P'
NA non-polymer 'SODIUM ION' 'Na 1'
PPV non-polymer PYROPHOSPHATE 'H4 O7 P2'
#
# COMPACT_ATOMS: atom_id res chain seq x y z
N ALA D 9 0.19 0.39 -20.70
CA ALA D 9 1.59 0.44 -20.21
C ALA D 9 2.54 0.99 -21.28
N THR D 10 2.61 2.31 -21.37
CA THR D 10 3.48 2.97 -22.36
C THR D 10 3.99 4.32 -21.84
N ASN D 11 5.09 4.29 -21.10
CA ASN D 11 5.67 5.52 -20.55
C ASN D 11 6.24 6.38 -21.67
N HIS D 12 5.45 7.34 -22.13
CA HIS D 12 5.88 8.22 -23.21
C HIS D 12 6.65 9.44 -22.71
N ASN D 13 6.96 9.45 -21.41
CA ASN D 13 7.69 10.59 -20.85
C ASN D 13 8.65 10.22 -19.73
N LEU D 14 9.21 9.00 -19.80
CA LEU D 14 10.13 8.52 -18.78
C LEU D 14 11.22 9.52 -18.43
N HIS D 15 11.75 10.21 -19.44
CA HIS D 15 12.82 11.16 -19.19
C HIS D 15 12.43 12.28 -18.23
N ILE D 16 11.15 12.62 -18.18
CA ILE D 16 10.68 13.68 -17.29
C ILE D 16 10.22 13.12 -15.95
N THR D 17 9.33 12.14 -15.98
CA THR D 17 8.83 11.54 -14.74
C THR D 17 9.99 11.00 -13.92
N GLU D 18 11.08 10.66 -14.60
CA GLU D 18 12.28 10.13 -13.97
C GLU D 18 12.89 11.15 -13.03
N LYS D 19 12.93 12.40 -13.46
CA LYS D 19 13.48 13.47 -12.64
C LYS D 19 12.47 13.97 -11.61
N LEU D 20 11.19 13.81 -11.92
CA LEU D 20 10.13 14.23 -11.02
C LEU D 20 9.99 13.28 -9.84
N GLU D 21 10.08 11.99 -10.11
CA GLU D 21 9.97 10.97 -9.07
C GLU D 21 11.04 11.18 -8.01
N VAL D 22 12.21 11.63 -8.43
CA VAL D 22 13.32 11.88 -7.51
C VAL D 22 12.95 13.00 -6.55
N LEU D 23 12.30 14.03 -7.09
CA LEU D 23 11.87 15.17 -6.30
C LEU D 23 10.70 14.78 -5.39
N ALA D 24 9.78 13.97 -5.91
CA ALA D 24 8.63 13.54 -5.14
C ALA D 24 9.06 12.73 -3.93
N LYS D 25 10.01 11.84 -4.13
CA LYS D 25 10.52 10.98 -3.07
C LYS D 25 11.24 11.82 -2.01
N ALA D 26 11.94 12.85 -2.46
CA ALA D 26 12.65 13.74 -1.54
C ALA D 26 11.66 14.44 -0.62
N TYR D 27 10.58 14.96 -1.20
CA TYR D 27 9.56 15.64 -0.41
C TYR D 27 8.89 14.66 0.55
N SER D 28 8.65 13.43 0.08
CA SER D 28 8.01 12.43 0.92
C SER D 28 8.84 12.13 2.18
N VAL D 29 10.12 11.78 2.00
CA VAL D 29 10.97 11.46 3.16
C VAL D 29 11.18 12.64 4.10
N GLN D 30 11.04 13.86 3.58
CA GLN D 30 11.19 15.05 4.42
C GLN D 30 9.90 15.34 5.19
N GLY D 31 8.83 14.63 4.83
CA GLY D 31 7.56 14.82 5.52
C GLY D 31 6.56 15.77 4.88
N ASP D 32 6.87 16.26 3.69
CA ASP D 32 5.96 17.15 2.99
C ASP D 32 5.05 16.25 2.16
N LYS D 33 4.17 15.53 2.84
CA LYS D 33 3.27 14.56 2.21
C LYS D 33 2.28 15.09 1.17
N TRP D 34 1.73 16.28 1.37
CA TRP D 34 0.78 16.79 0.40
C TRP D 34 1.48 17.20 -0.89
N ARG D 35 2.63 17.85 -0.78
CA ARG D 35 3.37 18.26 -1.97
C ARG D 35 3.77 16.97 -2.69
N ALA D 36 4.16 15.97 -1.91
CA ALA D 36 4.56 14.68 -2.48
C ALA D 36 3.39 14.01 -3.19
N LEU D 37 2.20 14.10 -2.60
CA LEU D 37 1.00 13.50 -3.20
C LEU D 37 0.75 14.22 -4.52
N GLY D 38 1.06 15.53 -4.53
CA GLY D 38 0.87 16.33 -5.72
C GLY D 38 1.73 15.82 -6.84
N TYR D 39 3.03 15.69 -6.57
CA TYR D 39 3.96 15.19 -7.58
C TYR D 39 3.60 13.77 -7.98
N ALA D 40 3.19 12.96 -7.03
CA ALA D 40 2.83 11.56 -7.30
C ALA D 40 1.72 11.42 -8.33
N LYS D 41 0.75 12.33 -8.30
CA LYS D 41 -0.37 12.26 -9.23
C LYS D 41 0.03 12.81 -10.60
N ALA D 42 0.86 13.85 -10.61
CA ALA D 42 1.31 14.46 -11.84
C ALA D 42 2.25 13.50 -12.57
N ILE D 43 3.03 12.74 -11.79
CA ILE D 43 3.97 11.78 -12.34
C ILE D 43 3.21 10.67 -13.07
N ASN D 44 2.16 10.16 -12.45
CA ASN D 44 1.37 9.11 -13.07
C ASN D 44 0.71 9.62 -14.34
N ALA D 45 0.15 10.82 -14.28
CA ALA D 45 -0.50 11.41 -15.43
C ALA D 45 0.46 11.41 -16.62
N LEU D 46 1.66 11.94 -16.41
CA LEU D 46 2.67 12.01 -17.45
C LEU D 46 3.05 10.63 -17.99
N LYS D 47 2.75 9.59 -17.22
CA LYS D 47 3.06 8.23 -17.65
C LYS D 47 1.88 7.62 -18.40
N SER D 48 0.68 7.77 -17.85
CA SER D 48 -0.57 7.09 -18.36
C SER D 48 -1.06 7.64 -19.66
N PHE D 49 -0.49 8.80 -19.86
CA PHE D 49 -0.66 9.67 -21.00
C PHE D 49 -0.22 8.96 -22.31
N HIS D 50 -0.49 9.55 -23.53
CA HIS D 50 -0.28 8.90 -24.88
C HIS D 50 0.77 9.48 -25.89
N LYS D 51 1.56 10.43 -25.45
CA LYS D 51 2.58 11.04 -26.29
C LYS D 51 3.49 11.94 -25.47
N PRO D 52 4.70 12.21 -25.98
CA PRO D 52 5.64 13.08 -25.27
C PRO D 52 5.12 14.51 -25.20
N VAL D 53 5.01 15.04 -23.98
CA VAL D 53 4.54 16.40 -23.82
C VAL D 53 5.58 17.32 -24.46
N THR D 54 5.14 18.18 -25.38
CA THR D 54 6.04 19.08 -26.08
C THR D 54 5.74 20.56 -25.90
N SER D 55 4.73 20.88 -25.10
CA SER D 55 4.37 22.29 -24.89
C SER D 55 3.88 22.60 -23.48
N TYR D 56 4.13 23.83 -23.04
CA TYR D 56 3.71 24.31 -21.72
C TYR D 56 2.21 24.18 -21.57
N GLN D 57 1.47 24.35 -22.68
CA GLN D 57 0.00 24.26 -22.67
C GLN D 57 -0.63 22.87 -22.84
N GLU D 58 0.07 21.89 -23.37
CA GLU D 58 -0.39 20.51 -23.63
C GLU D 58 -0.65 19.79 -22.28
N ALA D 59 0.40 20.15 -21.45
CA ALA D 59 0.78 19.88 -20.10
C ALA D 59 -0.31 20.37 -19.18
N CYS D 60 -0.47 21.69 -19.11
CA CYS D 60 -1.51 22.27 -18.28
C CYS D 60 -2.85 21.59 -18.54
N SER D 61 -3.08 21.25 -19.80
CA SER D 61 -4.31 20.62 -20.24
C SER D 61 -4.53 19.25 -19.63
N ILE D 62 -3.46 18.70 -19.09
CA ILE D 62 -3.51 17.35 -18.54
C ILE D 62 -3.93 17.41 -17.07
N PRO D 63 -4.98 16.65 -16.70
CA PRO D 63 -5.43 16.66 -15.30
C PRO D 63 -4.26 16.23 -14.41
N GLY D 64 -4.13 16.82 -13.23
CA GLY D 64 -3.04 16.47 -12.35
C GLY D 64 -1.82 17.33 -12.58
N ILE D 65 -1.86 18.14 -13.64
CA ILE D 65 -0.74 19.02 -13.97
C ILE D 65 -1.21 20.47 -13.99
N GLY D 66 -0.58 21.32 -13.18
CA GLY D 66 -0.95 22.72 -13.15
C GLY D 66 0.17 23.54 -13.76
N LYS D 67 0.05 24.86 -13.67
CA LYS D 67 1.06 25.75 -14.22
C LYS D 67 2.44 25.46 -13.62
N ARG D 68 2.52 25.43 -12.30
CA ARG D 68 3.76 25.17 -11.59
C ARG D 68 4.47 23.91 -12.05
N MET D 69 3.72 22.83 -12.19
CA MET D 69 4.29 21.57 -12.64
C MET D 69 4.67 21.65 -14.12
N ALA D 70 3.82 22.28 -14.93
CA ALA D 70 4.07 22.40 -16.38
C ALA D 70 5.39 23.10 -16.60
N GLU D 71 5.60 24.18 -15.85
CA GLU D 71 6.82 24.94 -15.95
C GLU D 71 8.01 24.03 -15.74
N LYS D 72 7.93 23.18 -14.73
CA LYS D 72 9.02 22.27 -14.43
C LYS D 72 9.21 21.27 -15.56
N ILE D 73 8.14 20.83 -16.20
CA ILE D 73 8.27 19.91 -17.31
C ILE D 73 9.02 20.63 -18.45
N ILE D 74 8.68 21.90 -18.66
CA ILE D 74 9.33 22.73 -19.67
C ILE D 74 10.83 22.63 -19.45
N GLU D 75 11.30 23.11 -18.29
CA GLU D 75 12.72 23.11 -17.93
C GLU D 75 13.42 21.79 -18.30
N ILE D 76 12.75 20.67 -18.06
CA ILE D 76 13.33 19.38 -18.37
C ILE D 76 13.51 19.19 -19.87
N LEU D 77 12.58 19.69 -20.67
CA LEU D 77 12.69 19.53 -22.12
C LEU D 77 13.57 20.58 -22.79
N GLU D 78 13.48 21.83 -22.33
CA GLU D 78 14.30 22.91 -22.90
C GLU D 78 15.73 22.81 -22.38
N SER D 79 15.86 22.70 -21.05
CA SER D 79 17.15 22.63 -20.38
C SER D 79 17.72 21.23 -20.17
N GLY D 80 16.88 20.20 -20.32
CA GLY D 80 17.37 18.85 -20.14
C GLY D 80 17.60 18.45 -18.69
N HIS D 81 17.57 19.41 -17.78
CA HIS D 81 17.74 19.12 -16.34
C HIS D 81 16.75 19.96 -15.53
N LEU D 82 16.71 19.78 -14.23
CA LEU D 82 15.83 20.51 -13.36
C LEU D 82 16.66 21.07 -12.24
N ARG D 83 16.93 22.37 -12.29
CA ARG D 83 17.74 23.04 -11.28
C ARG D 83 17.26 22.77 -9.85
N LYS D 84 16.00 22.39 -9.72
CA LYS D 84 15.43 22.10 -8.42
C LYS D 84 16.13 20.88 -7.81
N LEU D 85 16.54 19.95 -8.68
CA LEU D 85 17.22 18.73 -8.26
C LEU D 85 18.64 18.99 -7.75
N ASP D 86 19.21 20.14 -8.14
CA ASP D 86 20.56 20.48 -7.72
C ASP D 86 20.60 21.22 -6.40
N HIS D 87 19.46 21.30 -5.73
CA HIS D 87 19.40 21.99 -4.45
C HIS D 87 18.69 21.15 -3.39
N ILE D 88 18.56 19.86 -3.66
CA ILE D 88 17.92 18.95 -2.72
C ILE D 88 18.91 18.72 -1.59
N SER D 89 18.43 18.75 -0.35
CA SER D 89 19.31 18.55 0.79
C SER D 89 20.10 17.24 0.70
N GLU D 90 21.33 17.30 1.18
CA GLU D 90 22.23 16.14 1.20
C GLU D 90 21.70 15.07 2.14
N SER D 91 20.75 15.46 2.99
CA SER D 91 20.18 14.54 3.96
C SER D 91 19.21 13.54 3.35
N VAL D 92 18.59 13.89 2.24
CA VAL D 92 17.60 13.03 1.59
C VAL D 92 18.01 11.56 1.40
N PRO D 93 19.16 11.29 0.76
CA PRO D 93 19.58 9.89 0.56
C PRO D 93 19.58 9.11 1.89
N VAL D 94 20.07 9.74 2.94
CA VAL D 94 20.12 9.10 4.25
C VAL D 94 18.74 8.91 4.88
N LEU D 95 17.88 9.92 4.72
CA LEU D 95 16.53 9.85 5.25
C LEU D 95 15.78 8.72 4.55
N GLU D 96 16.00 8.60 3.25
CA GLU D 96 15.35 7.55 2.47
C GLU D 96 15.85 6.18 2.91
N LEU D 97 17.15 6.07 3.18
CA LEU D 97 17.75 4.83 3.66
C LEU D 97 17.13 4.44 5.01
N PHE D 98 17.04 5.41 5.93
CA PHE D 98 16.48 5.16 7.26
C PHE D 98 14.98 4.87 7.18
N SER D 99 14.30 5.60 6.31
CA SER D 99 12.87 5.45 6.13
C SER D 99 12.49 4.13 5.48
N ASN D 100 13.46 3.41 4.90
CA ASN D 100 13.16 2.11 4.30
C ASN D 100 13.19 0.96 5.30
N ILE D 101 13.46 1.29 6.56
CA ILE D 101 13.43 0.27 7.60
C ILE D 101 11.95 0.15 7.97
N TRP D 102 11.37 -1.04 7.88
CA TRP D 102 9.96 -1.22 8.22
C TRP D 102 9.73 -0.80 9.67
N GLY D 103 8.80 0.13 9.88
CA GLY D 103 8.52 0.58 11.23
C GLY D 103 9.02 1.99 11.50
N ALA D 104 9.95 2.47 10.68
CA ALA D 104 10.47 3.83 10.84
C ALA D 104 9.94 4.71 9.71
N GLY D 105 9.41 5.87 10.04
CA GLY D 105 8.88 6.76 9.02
C GLY D 105 9.67 8.05 8.97
N THR D 106 9.09 9.08 8.36
N THR D 106 9.09 9.07 8.36
CA THR D 106 9.76 10.37 8.25
CA THR D 106 9.76 10.37 8.25
C THR D 106 10.17 10.95 9.60
C THR D 106 10.17 10.95 9.60
N LYS D 107 9.31 10.85 10.60
CA LYS D 107 9.63 11.40 11.91
C LYS D 107 10.85 10.74 12.56
N THR D 108 10.89 9.42 12.50
CA THR D 108 11.98 8.66 13.07
C THR D 108 13.28 8.88 12.29
N ALA D 109 13.17 8.94 10.97
CA ALA D 109 14.35 9.16 10.12
C ALA D 109 14.97 10.55 10.36
N GLN D 110 14.15 11.57 10.48
N GLN D 110 14.15 11.57 10.48
CA GLN D 110 14.63 12.93 10.71
CA GLN D 110 14.66 12.92 10.70
C GLN D 110 15.33 13.02 12.07
C GLN D 110 15.32 13.02 12.08
N MET D 111 14.78 12.31 13.05
CA MET D 111 15.35 12.31 14.40
C MET D 111 16.74 11.67 14.40
N TRP D 112 16.82 10.48 13.81
CA TRP D 112 18.08 9.77 13.73
C TRP D 112 19.13 10.60 13.04
N TYR D 113 18.72 11.29 11.97
CA TYR D 113 19.63 12.13 11.21
C TYR D 113 20.10 13.26 12.12
N GLN D 114 19.14 13.84 12.83
CA GLN D 114 19.43 14.92 13.74
C GLN D 114 20.45 14.48 14.78
N GLN D 115 20.36 13.22 15.20
CA GLN D 115 21.25 12.67 16.21
C GLN D 115 22.64 12.32 15.66
N GLY D 116 22.87 12.59 14.37
CA GLY D 116 24.16 12.32 13.78
C GLY D 116 24.35 11.00 13.05
N PHE D 117 23.29 10.19 12.95
CA PHE D 117 23.38 8.90 12.27
C PHE D 117 23.36 9.11 10.76
N ARG D 118 24.16 8.31 10.04
CA ARG D 118 24.24 8.45 8.59
C ARG D 118 24.19 7.12 7.83
N SER D 119 24.21 6.01 8.56
CA SER D 119 24.21 4.70 7.92
C SER D 119 23.51 3.64 8.76
N LEU D 120 23.26 2.48 8.16
CA LEU D 120 22.60 1.42 8.89
C LEU D 120 23.52 0.89 9.97
N GLU D 121 24.83 1.03 9.77
CA GLU D 121 25.79 0.58 10.75
C GLU D 121 25.61 1.45 12.01
N ASP D 122 25.40 2.74 11.81
CA ASP D 122 25.17 3.69 12.90
C ASP D 122 23.86 3.30 13.61
N ILE D 123 22.82 3.01 12.83
CA ILE D 123 21.53 2.63 13.40
C ILE D 123 21.67 1.35 14.21
N ARG D 124 22.26 0.32 13.60
CA ARG D 124 22.44 -0.96 14.27
C ARG D 124 23.17 -0.87 15.61
N SER D 125 24.20 -0.03 15.70
CA SER D 125 24.98 0.08 16.93
C SER D 125 24.68 1.23 17.90
N GLN D 126 24.00 2.28 17.45
CA GLN D 126 23.76 3.40 18.36
C GLN D 126 22.31 3.83 18.51
N ALA D 127 21.48 3.51 17.53
CA ALA D 127 20.09 3.92 17.57
C ALA D 127 19.23 3.06 18.49
N SER D 128 18.21 3.70 19.06
CA SER D 128 17.28 3.01 19.93
C SER D 128 16.23 2.52 18.94
N LEU D 129 15.93 1.23 18.96
CA LEU D 129 14.96 0.67 18.03
C LEU D 129 13.75 0.04 18.67
N THR D 130 12.60 0.21 18.05
CA THR D 130 11.39 -0.40 18.56
C THR D 130 11.48 -1.86 18.11
N THR D 131 10.67 -2.72 18.69
CA THR D 131 10.68 -4.12 18.31
C THR D 131 10.48 -4.27 16.79
N GLN D 132 9.56 -3.49 16.22
CA GLN D 132 9.29 -3.56 14.79
C GLN D 132 10.51 -3.14 13.96
N GLN D 133 11.16 -2.04 14.35
CA GLN D 133 12.32 -1.55 13.61
C GLN D 133 13.48 -2.53 13.63
N ALA D 134 13.69 -3.22 14.76
CA ALA D 134 14.76 -4.20 14.85
C ALA D 134 14.50 -5.33 13.86
N ILE D 135 13.23 -5.69 13.70
CA ILE D 135 12.85 -6.75 12.77
C ILE D 135 13.03 -6.26 11.33
N GLY D 136 12.67 -5.01 11.08
CA GLY D 136 12.79 -4.45 9.74
C GLY D 136 14.23 -4.32 9.28
N LEU D 137 15.10 -3.95 10.19
CA LEU D 137 16.51 -3.78 9.87
C LEU D 137 17.12 -5.17 9.64
N LYS D 138 16.64 -6.13 10.42
CA LYS D 138 17.08 -7.52 10.33
C LYS D 138 16.84 -8.07 8.93
N HIS D 139 15.74 -7.64 8.30
CA HIS D 139 15.37 -8.09 6.97
C HIS D 139 15.38 -6.93 5.96
N TYR D 140 16.22 -5.94 6.22
CA TYR D 140 16.30 -4.75 5.38
C TYR D 140 16.31 -5.03 3.86
N SER D 141 17.24 -5.86 3.41
CA SER D 141 17.29 -6.18 1.98
C SER D 141 16.06 -6.95 1.52
N ASP D 142 15.64 -7.94 2.29
CA ASP D 142 14.48 -8.76 1.94
C ASP D 142 13.20 -7.94 1.80
N PHE D 143 12.99 -6.96 2.68
CA PHE D 143 11.77 -6.16 2.62
C PHE D 143 11.77 -5.16 1.47
N LEU D 144 12.85 -5.13 0.71
CA LEU D 144 12.95 -4.22 -0.43
C LEU D 144 12.77 -4.98 -1.75
N GLU D 145 12.79 -6.30 -1.68
CA GLU D 145 12.65 -7.15 -2.86
C GLU D 145 11.19 -7.58 -3.09
N ARG D 146 10.84 -7.94 -4.36
CA ARG D 146 9.49 -8.41 -4.79
C ARG D 146 9.60 -9.85 -5.17
N MET D 147 8.53 -10.53 -5.12
CA MET D 147 8.67 -11.94 -5.28
C MET D 147 8.00 -12.44 -6.54
N PRO D 148 8.44 -13.52 -7.20
CA PRO D 148 7.66 -13.99 -8.33
C PRO D 148 6.24 -14.32 -7.85
N ARG D 149 5.22 -14.02 -8.65
CA ARG D 149 3.86 -14.29 -8.20
C ARG D 149 3.68 -15.77 -7.86
N GLU D 150 4.47 -16.60 -8.51
CA GLU D 150 4.42 -18.05 -8.28
C GLU D 150 4.71 -18.36 -6.81
N GLU D 151 5.59 -17.59 -6.19
CA GLU D 151 5.94 -17.82 -4.78
C GLU D 151 4.82 -17.30 -3.89
N ALA D 152 4.16 -16.24 -4.34
CA ALA D 152 3.05 -15.68 -3.59
C ALA D 152 1.97 -16.77 -3.51
N THR D 153 1.81 -17.51 -4.61
CA THR D 153 0.83 -18.59 -4.68
C THR D 153 1.15 -19.64 -3.61
N GLU D 154 2.41 -20.03 -3.50
CA GLU D 154 2.82 -21.03 -2.52
C GLU D 154 2.55 -20.55 -1.10
N ILE D 155 2.72 -19.27 -0.87
CA ILE D 155 2.48 -18.69 0.45
C ILE D 155 0.99 -18.63 0.78
N GLU D 156 0.18 -18.27 -0.21
CA GLU D 156 -1.26 -18.19 0.00
C GLU D 156 -1.80 -19.60 0.23
N GLN D 157 -1.20 -20.57 -0.45
CA GLN D 157 -1.61 -21.95 -0.32
C GLN D 157 -1.22 -22.51 1.04
N THR D 158 -0.08 -22.07 1.56
CA THR D 158 0.39 -22.53 2.85
C THR D 158 -0.53 -22.00 3.94
N VAL D 159 -0.97 -20.75 3.80
CA VAL D 159 -1.85 -20.15 4.77
C VAL D 159 -3.23 -20.81 4.69
N GLN D 160 -3.77 -20.88 3.48
CA GLN D 160 -5.08 -21.49 3.24
C GLN D 160 -5.16 -22.93 3.72
N LYS D 161 -4.11 -23.70 3.47
CA LYS D 161 -4.08 -25.10 3.89
C LYS D 161 -4.19 -25.20 5.40
N ALA D 162 -3.42 -24.38 6.10
CA ALA D 162 -3.45 -24.40 7.56
C ALA D 162 -4.78 -23.90 8.11
N ALA D 163 -5.45 -23.03 7.36
CA ALA D 163 -6.73 -22.50 7.78
C ALA D 163 -7.87 -23.52 7.60
N GLN D 164 -7.95 -24.10 6.40
CA GLN D 164 -8.99 -25.09 6.11
C GLN D 164 -8.77 -26.38 6.89
N ALA D 165 -7.54 -26.58 7.36
CA ALA D 165 -7.22 -27.78 8.13
C ALA D 165 -8.08 -27.85 9.39
N PHE D 166 -8.47 -26.70 9.95
CA PHE D 166 -9.32 -26.70 11.12
C PHE D 166 -10.73 -26.18 10.84
N ASN D 167 -11.02 -25.91 9.57
CA ASN D 167 -12.35 -25.45 9.14
C ASN D 167 -12.39 -25.34 7.62
N SER D 168 -12.72 -26.46 6.98
CA SER D 168 -12.81 -26.55 5.53
C SER D 168 -13.69 -25.53 4.85
N GLY D 169 -14.54 -24.85 5.62
CA GLY D 169 -15.43 -23.87 5.02
C GLY D 169 -14.80 -22.49 4.83
N LEU D 170 -13.60 -22.31 5.38
CA LEU D 170 -12.91 -21.02 5.27
C LEU D 170 -12.50 -20.64 3.86
N LEU D 171 -12.84 -19.42 3.49
CA LEU D 171 -12.53 -18.88 2.18
C LEU D 171 -11.25 -18.04 2.27
N CYS D 172 -10.20 -18.46 1.55
CA CYS D 172 -8.93 -17.74 1.57
C CYS D 172 -8.59 -17.24 0.18
N VAL D 173 -8.26 -15.94 0.09
CA VAL D 173 -7.92 -15.35 -1.21
C VAL D 173 -6.74 -14.40 -1.11
N ALA D 174 -5.84 -14.50 -2.08
CA ALA D 174 -4.66 -13.65 -2.15
C ALA D 174 -5.08 -12.40 -2.90
N CYS D 175 -4.84 -11.24 -2.30
CA CYS D 175 -5.24 -9.99 -2.93
C CYS D 175 -4.04 -9.17 -3.40
N GLY D 176 -4.08 -7.87 -3.16
CA GLY D 176 -2.98 -7.01 -3.57
C GLY D 176 -2.59 -7.13 -5.04
N SER D 177 -1.32 -6.90 -5.31
CA SER D 177 -0.78 -6.96 -6.66
C SER D 177 -0.97 -8.34 -7.30
N TYR D 178 -1.10 -9.36 -6.46
CA TYR D 178 -1.29 -10.72 -6.93
C TYR D 178 -2.59 -10.84 -7.71
N ARG D 179 -3.69 -10.43 -7.08
CA ARG D 179 -5.00 -10.50 -7.72
C ARG D 179 -5.08 -9.52 -8.88
N ARG D 180 -4.29 -8.44 -8.83
CA ARG D 180 -4.30 -7.47 -9.92
C ARG D 180 -3.50 -8.03 -11.12
N GLY D 181 -3.03 -9.26 -10.98
CA GLY D 181 -2.30 -9.92 -12.05
C GLY D 181 -0.86 -9.51 -12.34
N LYS D 182 -0.15 -9.01 -11.33
N LYS D 182 -0.15 -8.99 -11.34
CA LYS D 182 1.24 -8.59 -11.53
CA LYS D 182 1.24 -8.57 -11.57
C LYS D 182 2.20 -9.77 -11.57
C LYS D 182 2.20 -9.75 -11.57
N ALA D 183 3.32 -9.58 -12.25
CA ALA D 183 4.34 -10.64 -12.39
C ALA D 183 5.03 -10.89 -11.06
N THR D 184 5.30 -9.80 -10.32
CA THR D 184 5.96 -9.90 -9.02
C THR D 184 5.11 -9.23 -7.95
N CYS D 185 5.34 -9.60 -6.70
CA CYS D 185 4.61 -9.05 -5.56
C CYS D 185 5.53 -8.62 -4.43
N GLY D 186 5.22 -7.47 -3.83
CA GLY D 186 6.02 -6.96 -2.72
C GLY D 186 5.84 -7.82 -1.48
N ASP D 187 4.60 -8.20 -1.22
CA ASP D 187 4.28 -9.07 -0.09
C ASP D 187 3.09 -9.91 -0.51
N VAL D 188 2.53 -10.67 0.42
CA VAL D 188 1.38 -11.49 0.10
C VAL D 188 0.22 -11.05 1.00
N ASP D 189 -0.88 -10.64 0.38
CA ASP D 189 -2.06 -10.20 1.12
C ASP D 189 -3.11 -11.31 1.13
N VAL D 190 -3.34 -11.92 2.28
CA VAL D 190 -4.33 -12.98 2.37
C VAL D 190 -5.59 -12.60 3.14
N LEU D 191 -6.73 -12.61 2.44
CA LEU D 191 -8.03 -12.30 3.03
C LEU D 191 -8.74 -13.61 3.39
N ILE D 192 -9.25 -13.68 4.62
CA ILE D 192 -9.95 -14.87 5.07
C ILE D 192 -11.31 -14.49 5.61
N THR D 193 -12.33 -15.23 5.19
CA THR D 193 -13.70 -14.99 5.64
C THR D 193 -14.44 -16.32 5.66
N HIS D 194 -15.71 -16.30 6.04
CA HIS D 194 -16.49 -17.53 6.08
C HIS D 194 -17.93 -17.30 5.62
N PRO D 195 -18.40 -18.12 4.67
CA PRO D 195 -19.75 -18.07 4.11
C PRO D 195 -20.91 -18.13 5.10
N ASP D 196 -20.74 -18.82 6.22
CA ASP D 196 -21.83 -18.90 7.19
C ASP D 196 -22.06 -17.57 7.90
N GLY D 197 -20.99 -16.83 8.14
CA GLY D 197 -21.10 -15.52 8.76
C GLY D 197 -20.79 -15.44 10.30
N ARG D 198 -20.13 -16.49 10.88
CA ARG D 198 -19.88 -16.47 12.35
C ARG D 198 -18.59 -17.14 12.71
N SER D 199 -18.26 -18.13 11.90
CA SER D 199 -17.12 -18.98 12.12
C SER D 199 -15.81 -18.34 11.80
N HIS D 200 -15.78 -17.07 11.64
CA HIS D 200 -14.53 -16.44 11.38
C HIS D 200 -14.07 -15.78 12.67
N ARG D 201 -14.90 -15.87 13.72
CA ARG D 201 -14.57 -15.23 14.99
C ARG D 201 -13.54 -16.00 15.81
N GLY D 202 -12.49 -15.28 16.23
CA GLY D 202 -11.44 -15.89 17.02
C GLY D 202 -10.74 -17.07 16.36
N ILE D 203 -10.22 -16.86 15.16
CA ILE D 203 -9.51 -17.91 14.45
C ILE D 203 -8.02 -17.60 14.33
N PHE D 204 -7.67 -16.32 14.48
CA PHE D 204 -6.27 -15.93 14.39
C PHE D 204 -5.43 -16.80 15.31
N SER D 205 -5.93 -17.05 16.52
CA SER D 205 -5.22 -17.87 17.48
C SER D 205 -4.79 -19.18 16.86
N ARG D 206 -5.76 -19.93 16.34
CA ARG D 206 -5.49 -21.23 15.73
C ARG D 206 -4.64 -21.16 14.48
N LEU D 207 -4.92 -20.20 13.61
CA LEU D 207 -4.17 -20.06 12.38
C LEU D 207 -2.70 -19.70 12.64
N LEU D 208 -2.48 -18.66 13.43
CA LEU D 208 -1.12 -18.23 13.72
C LEU D 208 -0.26 -19.29 14.47
N ASP D 209 -0.87 -20.05 15.40
CA ASP D 209 -0.21 -21.07 16.22
C ASP D 209 -0.07 -22.40 15.50
N SER D 210 -0.69 -22.41 14.34
CA SER D 210 -0.63 -23.52 13.44
C SER D 210 0.52 -23.23 12.48
N LEU D 211 0.63 -21.98 12.05
CA LEU D 211 1.69 -21.60 11.13
C LEU D 211 3.02 -21.51 11.87
N ARG D 212 2.98 -21.36 13.18
CA ARG D 212 4.22 -21.34 13.99
C ARG D 212 4.74 -22.72 14.23
N GLN D 213 3.87 -23.75 14.17
CA GLN D 213 4.32 -25.14 14.36
C GLN D 213 5.29 -25.49 13.26
N GLU D 214 4.74 -25.38 12.07
CA GLU D 214 5.53 -25.75 10.94
C GLU D 214 6.65 -24.74 10.73
N GLY D 215 6.89 -23.84 11.68
CA GLY D 215 7.96 -22.87 11.54
C GLY D 215 7.90 -22.00 10.30
N PHE D 216 6.69 -21.74 9.81
CA PHE D 216 6.51 -20.91 8.62
C PHE D 216 6.67 -19.41 8.92
N LEU D 217 6.18 -18.99 10.08
CA LEU D 217 6.29 -17.58 10.48
C LEU D 217 7.62 -17.40 11.21
N THR D 218 8.34 -16.34 10.86
CA THR D 218 9.64 -16.09 11.48
C THR D 218 9.64 -14.88 12.41
N ASP D 219 8.81 -13.89 12.10
CA ASP D 219 8.72 -12.68 12.92
C ASP D 219 7.32 -12.09 12.82
N ASP D 220 6.89 -11.44 13.89
CA ASP D 220 5.58 -10.79 13.91
C ASP D 220 5.82 -9.28 14.04
N LEU D 221 5.13 -8.48 13.22
CA LEU D 221 5.27 -7.03 13.29
C LEU D 221 4.05 -6.41 13.95
N VAL D 222 2.87 -6.84 13.53
CA VAL D 222 1.61 -6.36 14.07
C VAL D 222 0.69 -7.55 14.24
N SER D 223 0.35 -7.86 15.49
CA SER D 223 -0.49 -9.00 15.79
C SER D 223 -1.02 -8.87 17.21
N GLN D 224 -2.18 -8.24 17.34
CA GLN D 224 -2.79 -8.05 18.65
C GLN D 224 -3.59 -9.30 18.98
N GLU D 225 -2.90 -10.31 19.50
CA GLU D 225 -3.50 -11.59 19.83
C GLU D 225 -4.16 -11.70 21.20
N GLU D 226 -3.92 -10.74 22.07
CA GLU D 226 -4.53 -10.79 23.40
C GLU D 226 -5.97 -10.31 23.30
N ASN D 227 -6.33 -9.78 22.14
CA ASN D 227 -7.68 -9.28 21.88
C ASN D 227 -8.41 -10.23 20.94
N GLY D 228 -9.59 -10.67 21.34
CA GLY D 228 -10.36 -11.58 20.51
C GLY D 228 -10.88 -10.99 19.21
N GLN D 229 -10.79 -9.67 19.06
CA GLN D 229 -11.28 -9.00 17.85
C GLN D 229 -10.18 -8.56 16.89
N GLN D 230 -9.08 -9.28 16.86
CA GLN D 230 -7.96 -8.96 15.97
C GLN D 230 -8.46 -8.97 14.52
N GLN D 231 -8.08 -7.96 13.75
CA GLN D 231 -8.51 -7.87 12.36
C GLN D 231 -7.37 -8.15 11.37
N LYS D 232 -6.14 -7.88 11.78
CA LYS D 232 -5.02 -8.08 10.87
C LYS D 232 -3.78 -8.67 11.52
N TYR D 233 -2.96 -9.26 10.68
CA TYR D 233 -1.68 -9.84 11.09
C TYR D 233 -0.68 -9.38 10.04
N LEU D 234 0.37 -8.70 10.48
CA LEU D 234 1.41 -8.26 9.58
C LEU D 234 2.65 -8.95 10.12
N GLY D 235 3.24 -9.83 9.30
CA GLY D 235 4.41 -10.54 9.77
C GLY D 235 5.37 -10.94 8.68
N VAL D 236 6.24 -11.89 9.02
CA VAL D 236 7.26 -12.36 8.12
C VAL D 236 7.26 -13.88 8.09
N CYS D 237 7.38 -14.44 6.89
CA CYS D 237 7.38 -15.89 6.73
C CYS D 237 8.47 -16.34 5.75
N ARG D 238 8.75 -17.64 5.74
CA ARG D 238 9.72 -18.18 4.81
C ARG D 238 9.40 -19.63 4.48
N LEU D 239 9.23 -19.90 3.18
CA LEU D 239 8.94 -21.24 2.74
C LEU D 239 10.14 -22.12 3.08
N PRO D 240 9.94 -23.44 3.15
CA PRO D 240 11.05 -24.36 3.47
C PRO D 240 11.95 -24.63 2.26
N GLY D 241 13.09 -25.24 2.50
CA GLY D 241 14.00 -25.56 1.42
C GLY D 241 15.08 -24.51 1.23
N PRO D 242 16.09 -24.80 0.40
CA PRO D 242 17.19 -23.86 0.14
C PRO D 242 16.79 -22.74 -0.81
N GLY D 243 17.58 -21.67 -0.79
CA GLY D 243 17.32 -20.53 -1.65
C GLY D 243 16.05 -19.73 -1.38
N ARG D 244 15.51 -19.80 -0.17
CA ARG D 244 14.31 -19.05 0.15
C ARG D 244 14.62 -17.77 0.93
N ARG D 245 13.86 -16.72 0.65
CA ARG D 245 14.06 -15.46 1.33
C ARG D 245 12.87 -15.20 2.24
N HIS D 246 13.05 -14.32 3.22
CA HIS D 246 11.95 -13.98 4.12
C HIS D 246 11.02 -13.05 3.35
N ARG D 247 9.71 -13.32 3.43
CA ARG D 247 8.70 -12.52 2.75
C ARG D 247 7.69 -11.93 3.73
N ARG D 248 7.18 -10.75 3.40
CA ARG D 248 6.18 -10.08 4.22
C ARG D 248 4.81 -10.71 3.97
N LEU D 249 4.11 -11.04 5.06
CA LEU D 249 2.79 -11.66 4.99
C LEU D 249 1.77 -10.81 5.74
N ASP D 250 0.70 -10.45 5.05
N ASP D 250 0.70 -10.47 5.03
CA ASP D 250 -0.36 -9.65 5.66
CA ASP D 250 -0.38 -9.65 5.59
C ASP D 250 -1.69 -10.40 5.54
C ASP D 250 -1.69 -10.44 5.52
N ILE D 251 -2.26 -10.73 6.68
CA ILE D 251 -3.52 -11.46 6.72
C ILE D 251 -4.62 -10.70 7.45
N ILE D 252 -5.79 -10.64 6.83
CA ILE D 252 -6.93 -10.01 7.47
C ILE D 252 -8.09 -11.02 7.48
N VAL D 253 -8.83 -11.03 8.58
CA VAL D 253 -9.98 -11.89 8.74
C VAL D 253 -11.16 -10.94 8.87
N VAL D 254 -12.17 -11.11 8.02
CA VAL D 254 -13.34 -10.24 8.04
C VAL D 254 -14.66 -11.01 8.04
N PRO D 255 -15.73 -10.37 8.51
CA PRO D 255 -17.05 -11.03 8.55
C PRO D 255 -17.60 -11.10 7.11
N TYR D 256 -18.26 -12.21 6.77
CA TYR D 256 -18.77 -12.40 5.42
C TYR D 256 -19.55 -11.23 4.84
N SER D 257 -20.30 -10.51 5.67
CA SER D 257 -21.09 -9.38 5.19
C SER D 257 -20.21 -8.25 4.64
N GLU D 258 -18.95 -8.23 5.06
CA GLU D 258 -18.02 -7.18 4.63
C GLU D 258 -17.05 -7.69 3.58
N PHE D 259 -17.25 -8.93 3.15
CA PHE D 259 -16.37 -9.57 2.18
C PHE D 259 -16.04 -8.76 0.92
N ALA D 260 -17.05 -8.16 0.29
CA ALA D 260 -16.80 -7.39 -0.93
C ALA D 260 -15.96 -6.14 -0.70
N CYS D 261 -16.32 -5.34 0.30
CA CYS D 261 -15.57 -4.13 0.59
C CYS D 261 -14.15 -4.47 1.03
N ALA D 262 -14.02 -5.58 1.73
CA ALA D 262 -12.72 -6.05 2.20
C ALA D 262 -11.87 -6.43 0.98
N LEU D 263 -12.46 -7.23 0.10
CA LEU D 263 -11.80 -7.71 -1.11
C LEU D 263 -11.33 -6.51 -1.93
N LEU D 264 -12.24 -5.56 -2.11
CA LEU D 264 -11.96 -4.35 -2.88
C LEU D 264 -10.82 -3.54 -2.26
N TYR D 265 -10.86 -3.38 -0.94
CA TYR D 265 -9.82 -2.65 -0.23
C TYR D 265 -8.47 -3.35 -0.38
N PHE D 266 -8.44 -4.63 -0.01
CA PHE D 266 -7.23 -5.43 -0.03
C PHE D 266 -6.63 -5.69 -1.42
N THR D 267 -7.43 -5.49 -2.46
CA THR D 267 -6.95 -5.69 -3.82
C THR D 267 -6.27 -4.42 -4.33
N GLY D 268 -6.74 -3.26 -3.88
CA GLY D 268 -6.14 -2.00 -4.28
C GLY D 268 -6.24 -1.67 -5.76
N SER D 269 -5.26 -0.93 -6.30
CA SER D 269 -4.12 -0.42 -5.54
C SER D 269 -4.49 0.63 -4.50
N ALA D 270 -3.49 1.11 -3.78
CA ALA D 270 -3.74 2.12 -2.75
C ALA D 270 -4.31 3.40 -3.36
N HIS D 271 -3.68 3.91 -4.40
N HIS D 271 -3.68 3.91 -4.42
CA HIS D 271 -4.16 5.13 -5.06
CA HIS D 271 -4.16 5.12 -5.07
C HIS D 271 -5.55 4.92 -5.65
C HIS D 271 -5.56 4.91 -5.61
N PHE D 272 -5.85 3.70 -6.07
CA PHE D 272 -7.16 3.39 -6.62
C PHE D 272 -8.22 3.50 -5.53
N ASN D 273 -7.93 2.94 -4.34
CA ASN D 273 -8.88 3.00 -3.23
C ASN D 273 -9.13 4.45 -2.83
N ARG D 274 -8.05 5.21 -2.67
CA ARG D 274 -8.16 6.61 -2.27
C ARG D 274 -9.01 7.41 -3.23
N SER D 275 -8.83 7.16 -4.52
CA SER D 275 -9.59 7.86 -5.56
C SER D 275 -11.07 7.48 -5.44
N MET D 276 -11.34 6.20 -5.29
CA MET D 276 -12.70 5.72 -5.14
C MET D 276 -13.37 6.30 -3.89
N ARG D 277 -12.64 6.29 -2.77
CA ARG D 277 -13.18 6.82 -1.53
C ARG D 277 -13.42 8.33 -1.67
N ALA D 278 -12.55 9.01 -2.42
CA ALA D 278 -12.68 10.45 -2.64
C ALA D 278 -13.95 10.78 -3.43
N LEU D 279 -14.32 9.89 -4.35
CA LEU D 279 -15.51 10.06 -5.17
C LEU D 279 -16.74 9.88 -4.29
N ALA D 280 -16.75 8.80 -3.51
CA ALA D 280 -17.86 8.52 -2.62
C ALA D 280 -18.15 9.74 -1.74
N LYS D 281 -17.10 10.44 -1.32
CA LYS D 281 -17.28 11.61 -0.46
C LYS D 281 -18.00 12.74 -1.17
N THR D 282 -17.72 12.96 -2.45
CA THR D 282 -18.37 14.02 -3.21
C THR D 282 -19.86 13.70 -3.35
N LYS D 283 -20.20 12.44 -3.14
CA LYS D 283 -21.60 12.00 -3.25
C LYS D 283 -22.26 11.77 -1.90
N GLY D 284 -21.66 12.30 -0.84
CA GLY D 284 -22.24 12.12 0.49
C GLY D 284 -22.23 10.66 0.98
N MET D 285 -21.49 9.82 0.24
CA MET D 285 -21.36 8.42 0.57
C MET D 285 -20.00 8.22 1.27
N SER D 286 -19.67 7.02 1.80
CA SER D 286 -18.36 6.76 2.43
C SER D 286 -17.98 5.31 2.20
N LEU D 287 -16.72 5.08 1.82
CA LEU D 287 -16.25 3.73 1.55
C LEU D 287 -15.03 3.36 2.40
N SER D 288 -15.06 2.16 2.96
CA SER D 288 -13.97 1.66 3.77
C SER D 288 -13.89 0.16 3.56
N GLU D 289 -12.90 -0.46 4.19
CA GLU D 289 -12.70 -1.89 4.10
C GLU D 289 -13.82 -2.65 4.82
N HIS D 290 -14.67 -1.92 5.53
CA HIS D 290 -15.78 -2.52 6.27
C HIS D 290 -17.11 -2.43 5.50
N ALA D 291 -17.35 -1.30 4.84
CA ALA D 291 -18.59 -1.13 4.11
C ALA D 291 -18.71 0.17 3.33
N LEU D 292 -19.75 0.23 2.50
CA LEU D 292 -20.05 1.41 1.72
C LEU D 292 -21.30 1.97 2.39
N SER D 293 -21.25 3.25 2.79
CA SER D 293 -22.38 3.88 3.46
C SER D 293 -22.92 5.03 2.65
N THR D 294 -24.20 5.34 2.87
CA THR D 294 -24.84 6.44 2.17
C THR D 294 -25.38 7.40 3.21
N ALA D 295 -25.74 8.61 2.78
CA ALA D 295 -26.28 9.61 3.69
C ALA D 295 -25.35 9.90 4.85
N VAL D 296 -24.04 9.95 4.57
CA VAL D 296 -23.08 10.24 5.62
C VAL D 296 -23.04 11.75 5.84
N VAL D 297 -22.98 12.16 7.11
CA VAL D 297 -22.96 13.57 7.44
C VAL D 297 -21.55 14.07 7.76
N ARG D 298 -21.08 15.02 6.96
CA ARG D 298 -19.75 15.58 7.16
C ARG D 298 -19.81 17.08 7.42
N ASN D 299 -18.81 17.60 8.12
CA ASN D 299 -18.76 19.02 8.42
C ASN D 299 -18.07 19.77 7.29
N THR D 300 -17.73 21.03 7.55
CA THR D 300 -17.08 21.89 6.57
C THR D 300 -15.72 21.38 6.13
N HIS D 301 -15.07 20.59 6.97
CA HIS D 301 -13.75 20.07 6.65
C HIS D 301 -13.80 18.62 6.19
N GLY D 302 -14.96 18.22 5.66
CA GLY D 302 -15.12 16.86 5.17
C GLY D 302 -15.01 15.75 6.19
N ALA D 303 -15.02 16.11 7.48
CA ALA D 303 -14.91 15.12 8.54
C ALA D 303 -16.28 14.57 8.91
N LYS D 304 -16.37 13.25 9.04
CA LYS D 304 -17.63 12.61 9.41
C LYS D 304 -18.14 13.13 10.75
N VAL D 305 -19.42 13.49 10.79
CA VAL D 305 -20.07 13.99 12.00
C VAL D 305 -21.33 13.16 12.21
N GLY D 306 -21.80 12.55 11.12
CA GLY D 306 -22.98 11.71 11.15
C GLY D 306 -22.63 10.38 10.50
N PRO D 307 -23.04 9.25 11.08
CA PRO D 307 -22.73 7.91 10.54
C PRO D 307 -23.38 7.50 9.22
N GLY D 308 -24.66 7.83 9.03
CA GLY D 308 -25.34 7.43 7.81
C GLY D 308 -25.70 5.96 7.90
N ARG D 309 -25.92 5.30 6.78
CA ARG D 309 -26.27 3.89 6.82
C ARG D 309 -25.54 3.01 5.82
N VAL D 310 -25.30 1.77 6.23
CA VAL D 310 -24.60 0.82 5.38
C VAL D 310 -25.48 0.30 4.24
N LEU D 311 -24.93 0.24 3.05
CA LEU D 311 -25.64 -0.25 1.87
C LEU D 311 -25.24 -1.70 1.64
N PRO D 312 -26.19 -2.54 1.21
CA PRO D 312 -25.88 -3.96 0.96
C PRO D 312 -24.91 -4.07 -0.21
N THR D 313 -23.77 -4.71 0.01
CA THR D 313 -22.79 -4.87 -1.07
C THR D 313 -22.25 -6.29 -1.10
N PRO D 314 -23.04 -7.23 -1.66
CA PRO D 314 -22.70 -8.65 -1.79
C PRO D 314 -21.45 -8.90 -2.63
N THR D 315 -21.21 -8.03 -3.61
CA THR D 315 -20.08 -8.19 -4.51
C THR D 315 -19.43 -6.87 -4.86
N GLU D 316 -18.20 -6.95 -5.38
CA GLU D 316 -17.45 -5.76 -5.77
C GLU D 316 -18.23 -4.94 -6.80
N LYS D 317 -18.94 -5.63 -7.69
CA LYS D 317 -19.73 -4.94 -8.71
C LYS D 317 -20.76 -4.02 -8.08
N ASP D 318 -21.30 -4.44 -6.94
CA ASP D 318 -22.29 -3.65 -6.23
C ASP D 318 -21.73 -2.31 -5.78
N VAL D 319 -20.46 -2.31 -5.34
CA VAL D 319 -19.83 -1.08 -4.88
C VAL D 319 -19.68 -0.10 -6.02
N PHE D 320 -19.18 -0.59 -7.16
CA PHE D 320 -19.01 0.26 -8.33
C PHE D 320 -20.38 0.78 -8.75
N ARG D 321 -21.33 -0.14 -8.88
CA ARG D 321 -22.69 0.21 -9.27
C ARG D 321 -23.24 1.32 -8.39
N LEU D 322 -23.31 1.04 -7.09
CA LEU D 322 -23.83 2.01 -6.13
C LEU D 322 -23.15 3.38 -6.22
N LEU D 323 -21.92 3.41 -6.70
CA LEU D 323 -21.19 4.66 -6.84
C LEU D 323 -21.33 5.25 -8.23
N GLY D 324 -22.15 4.61 -9.06
CA GLY D 324 -22.36 5.10 -10.42
C GLY D 324 -21.08 5.01 -11.23
N LEU D 325 -20.36 3.92 -11.04
CA LEU D 325 -19.10 3.70 -11.75
C LEU D 325 -19.14 2.39 -12.51
N PRO D 326 -18.53 2.36 -13.70
CA PRO D 326 -18.52 1.12 -14.48
C PRO D 326 -17.54 0.20 -13.76
N TYR D 327 -17.87 -1.08 -13.67
CA TYR D 327 -16.99 -2.02 -13.00
C TYR D 327 -15.61 -2.05 -13.64
N ARG D 328 -14.61 -2.44 -12.85
CA ARG D 328 -13.23 -2.54 -13.34
C ARG D 328 -12.59 -3.81 -12.79
N GLU D 329 -12.04 -4.61 -13.70
CA GLU D 329 -11.40 -5.85 -13.33
C GLU D 329 -10.22 -5.49 -12.43
N PRO D 330 -9.85 -6.37 -11.49
CA PRO D 330 -8.72 -6.06 -10.60
C PRO D 330 -7.51 -5.55 -11.38
N ALA D 331 -7.18 -6.23 -12.48
CA ALA D 331 -6.04 -5.86 -13.32
C ALA D 331 -6.10 -4.43 -13.84
N GLU D 332 -7.29 -3.84 -13.83
CA GLU D 332 -7.45 -2.47 -14.30
C GLU D 332 -7.56 -1.51 -13.14
N ARG D 333 -6.91 -1.83 -12.02
CA ARG D 333 -6.97 -0.96 -10.84
C ARG D 333 -5.61 -0.49 -10.33
N ASP D 334 -4.68 -0.21 -11.24
CA ASP D 334 -3.36 0.25 -10.81
C ASP D 334 -3.38 1.74 -10.48
N TRP D 335 -4.57 2.34 -10.59
CA TRP D 335 -4.75 3.77 -10.29
C TRP D 335 -6.16 4.17 -10.70
NA NA E . 9.12 25.53 -4.09
NA NA F . 0.62 -6.36 -1.49
NA NA G . 9.60 2.46 6.83
NA NA H . 1.19 -8.96 19.95
O11 PPV I . 2.81 -5.58 -4.20
P1 PPV I . 2.76 -4.04 -4.45
O21 PPV I . 3.32 -3.72 -5.87
O31 PPV I . 3.46 -3.38 -3.30
OPP PPV I . 1.23 -3.81 -4.50
P2 PPV I . 0.09 -3.97 -3.41
O12 PPV I . -0.26 -5.39 -3.41
O22 PPV I . 0.61 -3.43 -2.13
O32 PPV I . -0.94 -3.05 -4.15
#